data_2PXC
#
_entry.id   2PXC
#
_cell.length_a   81.021
_cell.length_b   81.021
_cell.length_c   94.011
_cell.angle_alpha   90.00
_cell.angle_beta   90.00
_cell.angle_gamma   90.00
#
_symmetry.space_group_name_H-M   'P 43 21 2'
#
loop_
_entity.id
_entity.type
_entity.pdbx_description
1 polymer 'Genome polyprotein [Contains: Capsid protein C (Core protein); Envelope protein M (Matrix protein); Major envelope protein E; Non-structural protein 1 (NS1); Non-structural protein 2A (NS2A); Flavivirin protease NS2B regulatory subunit; Flavivirin protease NS3 catalytic subunit; Non-structural protein 4A (NS4A); Non-structural protein 4B (NS4B); RNA-directed RNA polymerase (EC 2.7.7.48) (NS5)]'
2 non-polymer S-ADENOSYLMETHIONINE
3 non-polymer "GUANOSINE-P3-ADENOSINE-5',5'-TRIPHOSPHATE"
4 water water
#
_entity_poly.entity_id   1
_entity_poly.type   'polypeptide(L)'
_entity_poly.pdbx_seq_one_letter_code
;GRAGGRTLGEQWKEKLNAMGKEEFFSYRKEAILEVDRTEARRARREGNKVGGHPVSRGTAKLRWLVERRFVQPIGKVVDL
GCGRGGWSYYAATMKNVQEVRGYTKGGPGHEEPMLMQSYGWNIVTMKSGVDVFYKPSEISDTLLCDIGESSPSAEIEEQR
TLRILEMVSDWLSRGPKEFCIKILCPYMPKVIEKLESLQRRFGGGLVRVPLSRNSNHEMYWVSGASGNIVHAVNMTSQVL
IGRMDKKIWKGPKYEEDVNLGSGTRAVGK
;
_entity_poly.pdbx_strand_id   A
#
loop_
_chem_comp.id
_chem_comp.type
_chem_comp.name
_chem_comp.formula
G3A non-polymer GUANOSINE-P3-ADENOSINE-5',5'-TRIPHOSPHATE 'C20 H27 N10 O17 P3'
SAM non-polymer S-ADENOSYLMETHIONINE 'C15 H22 N6 O5 S'
#
# COMPACT_ATOMS: atom_id res chain seq x y z
N GLY A 5 23.85 -12.04 14.69
CA GLY A 5 23.30 -12.64 13.44
C GLY A 5 22.62 -11.59 12.59
N ARG A 6 21.52 -12.00 11.95
CA ARG A 6 20.73 -11.11 11.10
C ARG A 6 19.28 -11.55 11.17
N THR A 7 18.36 -10.63 10.86
CA THR A 7 16.93 -10.90 11.05
C THR A 7 16.41 -11.94 10.05
N LEU A 8 15.33 -12.61 10.43
CA LEU A 8 14.68 -13.60 9.55
C LEU A 8 14.37 -13.00 8.19
N GLY A 9 13.88 -11.76 8.19
CA GLY A 9 13.61 -11.03 6.95
C GLY A 9 14.87 -10.82 6.15
N GLU A 10 15.96 -10.45 6.84
CA GLU A 10 17.27 -10.34 6.22
C GLU A 10 17.56 -11.60 5.40
N GLN A 11 17.39 -12.76 6.04
CA GLN A 11 17.70 -14.05 5.42
C GLN A 11 16.76 -14.32 4.26
N TRP A 12 15.48 -13.99 4.44
CA TRP A 12 14.50 -14.08 3.37
C TRP A 12 14.98 -13.35 2.10
N LYS A 13 15.44 -12.11 2.28
CA LYS A 13 15.89 -11.28 1.15
C LYS A 13 17.10 -11.89 0.44
N GLU A 14 17.94 -12.60 1.18
CA GLU A 14 19.08 -13.29 0.58
C GLU A 14 18.63 -14.55 -0.16
N LYS A 15 17.83 -15.38 0.52
CA LYS A 15 17.28 -16.60 -0.09
C LYS A 15 16.46 -16.27 -1.35
N LEU A 16 15.79 -15.12 -1.34
CA LEU A 16 15.00 -14.66 -2.47
C LEU A 16 15.86 -14.36 -3.71
N ASN A 17 16.95 -13.62 -3.52
CA ASN A 17 17.80 -13.18 -4.64
C ASN A 17 18.59 -14.31 -5.26
N ALA A 18 18.64 -15.45 -4.57
CA ALA A 18 19.42 -16.59 -5.02
C ALA A 18 18.58 -17.54 -5.89
N MET A 19 17.31 -17.23 -6.08
CA MET A 19 16.41 -18.13 -6.80
C MET A 19 16.55 -17.95 -8.31
N GLY A 20 16.37 -19.04 -9.04
CA GLY A 20 16.26 -18.97 -10.51
C GLY A 20 14.98 -18.25 -10.95
N LYS A 21 14.91 -17.92 -12.23
CA LYS A 21 13.73 -17.27 -12.79
C LYS A 21 12.46 -18.11 -12.58
N GLU A 22 12.48 -19.33 -13.12
CA GLU A 22 11.35 -20.25 -12.99
C GLU A 22 10.86 -20.39 -11.53
N GLU A 23 11.79 -20.54 -10.60
CA GLU A 23 11.47 -20.67 -9.18
C GLU A 23 10.92 -19.38 -8.62
N PHE A 24 11.62 -18.28 -8.87
CA PHE A 24 11.22 -16.96 -8.39
C PHE A 24 9.76 -16.68 -8.78
N PHE A 25 9.52 -16.56 -10.08
CA PHE A 25 8.19 -16.19 -10.59
C PHE A 25 7.11 -17.09 -10.03
N SER A 26 7.43 -18.38 -9.92
CA SER A 26 6.51 -19.37 -9.34
C SER A 26 6.29 -19.13 -7.83
N TYR A 27 7.37 -18.80 -7.13
CA TYR A 27 7.32 -18.58 -5.69
C TYR A 27 6.59 -17.31 -5.34
N ARG A 28 6.83 -16.25 -6.09
CA ARG A 28 6.32 -14.97 -5.65
C ARG A 28 4.81 -14.89 -5.62
N LYS A 29 4.15 -15.82 -6.31
CA LYS A 29 2.68 -15.86 -6.30
C LYS A 29 2.10 -17.09 -5.56
N GLU A 30 2.92 -17.78 -4.77
CA GLU A 30 2.48 -18.98 -4.10
C GLU A 30 1.61 -18.64 -2.88
N ALA A 31 0.37 -19.12 -2.89
CA ALA A 31 -0.56 -18.98 -1.78
C ALA A 31 -1.07 -17.54 -1.53
N ILE A 32 -0.68 -16.61 -2.40
CA ILE A 32 -1.08 -15.22 -2.22
C ILE A 32 -2.48 -15.04 -2.78
N LEU A 33 -3.14 -13.97 -2.33
CA LEU A 33 -4.42 -13.55 -2.87
C LEU A 33 -4.15 -12.69 -4.09
N GLU A 34 -4.91 -12.90 -5.14
CA GLU A 34 -4.80 -12.07 -6.32
C GLU A 34 -6.14 -11.75 -6.95
N VAL A 35 -6.26 -10.49 -7.33
CA VAL A 35 -7.46 -9.93 -7.92
C VAL A 35 -7.44 -10.19 -9.43
N ASP A 36 -8.60 -10.51 -10.01
CA ASP A 36 -8.71 -10.68 -11.45
C ASP A 36 -8.84 -9.31 -12.09
N ARG A 37 -7.83 -8.89 -12.84
CA ARG A 37 -7.80 -7.57 -13.49
C ARG A 37 -8.18 -7.59 -14.98
N THR A 38 -8.48 -8.77 -15.52
CA THR A 38 -8.59 -8.92 -16.98
C THR A 38 -9.72 -8.10 -17.57
N GLU A 39 -10.78 -7.91 -16.79
CA GLU A 39 -11.92 -7.09 -17.20
C GLU A 39 -11.61 -5.60 -17.05
N ALA A 40 -10.81 -5.24 -16.05
CA ALA A 40 -10.31 -3.88 -15.90
C ALA A 40 -9.52 -3.48 -17.16
N ARG A 41 -8.64 -4.38 -17.60
CA ARG A 41 -7.87 -4.21 -18.84
C ARG A 41 -8.76 -3.99 -20.06
N ARG A 42 -9.82 -4.78 -20.16
CA ARG A 42 -10.75 -4.65 -21.28
C ARG A 42 -11.44 -3.29 -21.29
N ALA A 43 -11.86 -2.85 -20.10
CA ALA A 43 -12.51 -1.54 -19.95
C ALA A 43 -11.54 -0.47 -20.37
N ARG A 44 -10.34 -0.54 -19.81
CA ARG A 44 -9.28 0.41 -20.07
C ARG A 44 -9.15 0.56 -21.57
N ARG A 45 -8.85 -0.55 -22.25
CA ARG A 45 -8.78 -0.61 -23.72
C ARG A 45 -9.93 0.18 -24.33
N GLU A 46 -11.17 -0.22 -24.02
CA GLU A 46 -12.36 0.40 -24.61
C GLU A 46 -12.66 1.82 -24.12
N GLY A 47 -11.89 2.31 -23.14
CA GLY A 47 -12.08 3.66 -22.63
C GLY A 47 -13.32 3.81 -21.75
N ASN A 48 -13.92 2.70 -21.34
CA ASN A 48 -15.06 2.75 -20.44
C ASN A 48 -14.58 3.22 -19.07
N LYS A 49 -15.22 4.27 -18.58
CA LYS A 49 -14.84 4.90 -17.32
C LYS A 49 -15.90 4.78 -16.24
N VAL A 50 -17.01 4.12 -16.52
CA VAL A 50 -18.14 4.08 -15.59
C VAL A 50 -18.53 2.66 -15.20
N GLY A 51 -17.63 1.70 -15.42
CA GLY A 51 -17.88 0.29 -15.08
C GLY A 51 -17.31 -0.15 -13.73
N GLY A 52 -16.86 0.80 -12.93
CA GLY A 52 -16.36 0.54 -11.58
C GLY A 52 -15.11 -0.31 -11.47
N HIS A 53 -14.33 -0.41 -12.55
CA HIS A 53 -13.06 -1.14 -12.55
C HIS A 53 -11.97 -0.23 -11.97
N PRO A 54 -11.36 -0.63 -10.85
CA PRO A 54 -10.34 0.22 -10.25
C PRO A 54 -9.18 0.56 -11.21
N VAL A 55 -8.46 1.65 -10.92
CA VAL A 55 -7.31 2.06 -11.73
C VAL A 55 -6.05 1.21 -11.51
N SER A 56 -6.05 0.37 -10.46
CA SER A 56 -4.88 -0.44 -10.14
C SER A 56 -5.25 -1.52 -9.15
N ARG A 57 -4.27 -2.35 -8.80
CA ARG A 57 -4.47 -3.42 -7.83
C ARG A 57 -4.60 -2.88 -6.41
N GLY A 58 -4.06 -1.70 -6.16
CA GLY A 58 -3.98 -1.14 -4.82
C GLY A 58 -5.33 -0.88 -4.17
N THR A 59 -6.33 -0.63 -5.00
CA THR A 59 -7.68 -0.48 -4.50
C THR A 59 -8.06 -1.69 -3.67
N ALA A 60 -7.90 -2.89 -4.23
CA ALA A 60 -8.25 -4.13 -3.53
C ALA A 60 -7.43 -4.31 -2.24
N LYS A 61 -6.21 -3.77 -2.27
CA LYS A 61 -5.31 -3.86 -1.15
C LYS A 61 -5.86 -3.05 0.02
N LEU A 62 -6.21 -1.79 -0.24
CA LEU A 62 -6.79 -0.92 0.79
C LEU A 62 -8.14 -1.43 1.28
N ARG A 63 -8.93 -1.94 0.34
CA ARG A 63 -10.22 -2.50 0.69
C ARG A 63 -10.03 -3.57 1.75
N TRP A 64 -8.99 -4.39 1.59
CA TRP A 64 -8.71 -5.46 2.51
C TRP A 64 -8.50 -4.95 3.93
N LEU A 65 -7.75 -3.87 4.05
CA LEU A 65 -7.50 -3.28 5.36
C LEU A 65 -8.78 -2.64 5.93
N VAL A 66 -9.41 -1.81 5.10
CA VAL A 66 -10.58 -1.07 5.53
C VAL A 66 -11.67 -2.00 6.07
N GLU A 67 -11.98 -3.04 5.30
CA GLU A 67 -13.03 -4.00 5.70
C GLU A 67 -12.75 -4.67 7.04
N ARG A 68 -11.49 -4.73 7.45
CA ARG A 68 -11.11 -5.31 8.74
C ARG A 68 -10.85 -4.22 9.80
N ARG A 69 -11.32 -3.00 9.52
CA ARG A 69 -11.25 -1.85 10.45
C ARG A 69 -9.82 -1.42 10.80
N PHE A 70 -8.84 -1.81 9.98
CA PHE A 70 -7.46 -1.41 10.24
C PHE A 70 -7.26 0.07 9.96
N VAL A 71 -8.04 0.59 9.01
CA VAL A 71 -8.11 2.02 8.77
C VAL A 71 -9.51 2.35 8.25
N GLN A 72 -9.99 3.54 8.61
CA GLN A 72 -11.35 3.96 8.30
C GLN A 72 -11.36 5.42 7.89
N PRO A 73 -11.10 5.69 6.60
CA PRO A 73 -11.10 7.02 6.03
C PRO A 73 -12.28 7.88 6.48
N ILE A 74 -12.00 9.15 6.68
CA ILE A 74 -12.96 10.10 7.23
C ILE A 74 -12.57 11.53 6.86
N GLY A 75 -13.57 12.39 6.71
CA GLY A 75 -13.36 13.82 6.44
C GLY A 75 -12.49 14.09 5.22
N LYS A 76 -11.47 14.93 5.40
CA LYS A 76 -10.49 15.20 4.35
C LYS A 76 -9.43 14.13 4.34
N VAL A 77 -9.29 13.48 3.19
CA VAL A 77 -8.31 12.41 3.01
C VAL A 77 -7.18 12.88 2.12
N VAL A 78 -5.95 12.52 2.50
CA VAL A 78 -4.75 12.88 1.73
C VAL A 78 -3.95 11.62 1.43
N ASP A 79 -3.71 11.36 0.15
CA ASP A 79 -3.06 10.14 -0.34
C ASP A 79 -1.72 10.52 -0.97
N LEU A 80 -0.64 10.23 -0.25
CA LEU A 80 0.70 10.56 -0.73
C LEU A 80 1.21 9.45 -1.62
N GLY A 81 1.76 9.82 -2.77
CA GLY A 81 2.13 8.84 -3.80
C GLY A 81 0.92 8.10 -4.32
N CYS A 82 -0.08 8.85 -4.79
CA CYS A 82 -1.34 8.26 -5.23
C CYS A 82 -1.26 7.49 -6.54
N GLY A 83 -0.19 7.67 -7.31
CA GLY A 83 -0.05 7.04 -8.62
C GLY A 83 -1.26 7.30 -9.49
N ARG A 84 -1.86 6.24 -10.04
CA ARG A 84 -3.03 6.37 -10.90
C ARG A 84 -4.24 6.76 -10.08
N GLY A 85 -4.26 6.32 -8.82
CA GLY A 85 -5.26 6.73 -7.85
C GLY A 85 -6.18 5.65 -7.32
N GLY A 86 -5.71 4.41 -7.33
CA GLY A 86 -6.49 3.28 -6.80
C GLY A 86 -7.01 3.56 -5.40
N TRP A 87 -6.16 4.11 -4.55
CA TRP A 87 -6.53 4.40 -3.16
C TRP A 87 -7.42 5.63 -3.04
N SER A 88 -7.13 6.64 -3.85
CA SER A 88 -7.89 7.90 -3.83
C SER A 88 -9.33 7.70 -4.23
N TYR A 89 -9.55 7.01 -5.36
CA TYR A 89 -10.91 6.77 -5.84
C TYR A 89 -11.73 5.92 -4.86
N TYR A 90 -11.07 4.97 -4.22
CA TYR A 90 -11.72 4.07 -3.28
C TYR A 90 -12.16 4.82 -2.02
N ALA A 91 -11.30 5.71 -1.53
CA ALA A 91 -11.63 6.54 -0.39
C ALA A 91 -12.86 7.41 -0.69
N ALA A 92 -12.93 7.89 -1.93
CA ALA A 92 -14.03 8.76 -2.38
C ALA A 92 -15.38 8.03 -2.46
N THR A 93 -15.36 6.70 -2.44
CA THR A 93 -16.62 5.93 -2.43
C THR A 93 -17.32 5.89 -1.05
N MET A 94 -16.62 6.33 0.00
CA MET A 94 -17.05 6.08 1.37
C MET A 94 -17.85 7.24 1.93
N LYS A 95 -18.96 6.94 2.60
CA LYS A 95 -19.90 7.99 3.01
C LYS A 95 -19.31 9.10 3.88
N ASN A 96 -18.35 8.75 4.74
CA ASN A 96 -17.80 9.71 5.70
C ASN A 96 -16.70 10.61 5.14
N VAL A 97 -16.17 10.24 3.97
CA VAL A 97 -15.17 11.04 3.29
C VAL A 97 -15.85 12.17 2.53
N GLN A 98 -15.28 13.38 2.60
CA GLN A 98 -15.82 14.54 1.88
C GLN A 98 -14.86 15.14 0.85
N GLU A 99 -13.57 14.94 1.05
CA GLU A 99 -12.55 15.59 0.23
C GLU A 99 -11.37 14.63 0.08
N VAL A 100 -11.00 14.34 -1.17
CA VAL A 100 -9.88 13.44 -1.45
C VAL A 100 -8.82 14.18 -2.25
N ARG A 101 -7.65 14.35 -1.64
CA ARG A 101 -6.52 15.05 -2.25
C ARG A 101 -5.30 14.12 -2.35
N GLY A 102 -4.82 13.90 -3.58
CA GLY A 102 -3.71 12.97 -3.82
C GLY A 102 -2.53 13.69 -4.43
N TYR A 103 -1.33 13.22 -4.12
CA TYR A 103 -0.10 13.78 -4.69
C TYR A 103 0.81 12.65 -5.19
N THR A 104 1.38 12.82 -6.38
CA THR A 104 2.34 11.85 -6.91
C THR A 104 3.36 12.48 -7.87
N LYS A 105 4.52 11.84 -7.96
CA LYS A 105 5.69 12.40 -8.65
C LYS A 105 5.43 12.65 -10.13
N GLY A 106 4.88 11.63 -10.81
CA GLY A 106 4.71 11.65 -12.26
C GLY A 106 6.05 11.59 -12.97
N GLY A 107 6.04 11.88 -14.27
CA GLY A 107 7.26 11.93 -15.09
C GLY A 107 7.78 10.55 -15.46
N PRO A 108 8.93 10.50 -16.15
CA PRO A 108 9.55 9.24 -16.57
C PRO A 108 9.69 8.19 -15.46
N GLY A 109 9.18 6.99 -15.72
CA GLY A 109 9.27 5.88 -14.78
C GLY A 109 8.30 5.99 -13.62
N HIS A 110 7.26 6.80 -13.76
CA HIS A 110 6.31 7.07 -12.68
C HIS A 110 4.87 7.18 -13.18
N GLU A 111 3.95 6.61 -12.40
CA GLU A 111 2.55 6.52 -12.78
C GLU A 111 1.88 7.89 -12.71
N GLU A 112 1.18 8.28 -13.77
CA GLU A 112 0.41 9.52 -13.79
C GLU A 112 -1.01 9.27 -13.29
N PRO A 113 -1.62 10.27 -12.62
CA PRO A 113 -3.00 10.13 -12.19
C PRO A 113 -3.94 9.84 -13.36
N MET A 114 -4.94 9.00 -13.12
CA MET A 114 -5.81 8.48 -14.18
C MET A 114 -7.25 8.84 -13.91
N LEU A 115 -7.93 9.42 -14.91
CA LEU A 115 -9.33 9.85 -14.77
C LEU A 115 -10.31 8.69 -14.92
N MET A 116 -11.07 8.41 -13.85
CA MET A 116 -12.15 7.43 -13.87
C MET A 116 -13.39 8.08 -13.29
N GLN A 117 -14.54 7.49 -13.59
CA GLN A 117 -15.82 7.98 -13.05
C GLN A 117 -16.43 6.96 -12.08
N SER A 118 -15.60 6.41 -11.21
CA SER A 118 -16.09 5.56 -10.12
C SER A 118 -16.90 6.40 -9.13
N TYR A 119 -17.86 5.79 -8.45
CA TYR A 119 -18.73 6.51 -7.51
C TYR A 119 -17.93 7.48 -6.62
N GLY A 120 -18.21 8.77 -6.75
CA GLY A 120 -17.55 9.79 -5.93
C GLY A 120 -16.36 10.52 -6.55
N TRP A 121 -15.99 10.13 -7.76
CA TRP A 121 -14.85 10.75 -8.46
C TRP A 121 -14.79 12.27 -8.35
N ASN A 122 -15.96 12.92 -8.36
CA ASN A 122 -16.04 14.38 -8.32
C ASN A 122 -15.36 15.09 -7.14
N ILE A 123 -15.20 14.39 -6.00
CA ILE A 123 -14.48 14.97 -4.85
C ILE A 123 -13.01 14.55 -4.79
N VAL A 124 -12.59 13.76 -5.77
CA VAL A 124 -11.18 13.42 -5.91
C VAL A 124 -10.45 14.56 -6.62
N THR A 125 -9.28 14.93 -6.10
CA THR A 125 -8.40 15.86 -6.77
C THR A 125 -6.97 15.37 -6.68
N MET A 126 -6.48 14.81 -7.78
CA MET A 126 -5.10 14.32 -7.83
C MET A 126 -4.25 15.36 -8.53
N LYS A 127 -3.03 15.54 -8.04
CA LYS A 127 -2.08 16.47 -8.65
C LYS A 127 -0.74 15.78 -8.88
N SER A 128 -0.23 15.88 -10.10
CA SER A 128 1.05 15.28 -10.46
C SER A 128 2.17 16.31 -10.46
N GLY A 129 3.41 15.84 -10.64
CA GLY A 129 4.58 16.71 -10.62
C GLY A 129 4.94 17.15 -9.20
N VAL A 130 4.46 16.40 -8.21
CA VAL A 130 4.67 16.76 -6.82
C VAL A 130 5.48 15.68 -6.12
N ASP A 131 6.61 16.08 -5.55
CA ASP A 131 7.47 15.20 -4.75
C ASP A 131 7.20 15.48 -3.26
N VAL A 132 6.46 14.56 -2.65
CA VAL A 132 6.04 14.68 -1.25
C VAL A 132 7.17 15.03 -0.27
N PHE A 133 8.41 14.69 -0.63
CA PHE A 133 9.56 15.05 0.19
C PHE A 133 9.83 16.56 0.25
N TYR A 134 9.16 17.34 -0.59
CA TYR A 134 9.29 18.80 -0.59
C TYR A 134 7.94 19.51 -0.59
N LYS A 135 6.87 18.78 -0.31
CA LYS A 135 5.52 19.33 -0.27
C LYS A 135 5.19 19.68 1.19
N PRO A 136 4.96 20.98 1.49
CA PRO A 136 4.57 21.37 2.85
C PRO A 136 3.33 20.62 3.32
N SER A 137 3.39 20.08 4.53
CA SER A 137 2.30 19.27 5.07
C SER A 137 1.01 20.06 5.18
N GLU A 138 -0.11 19.36 5.05
CA GLU A 138 -1.44 19.95 5.14
C GLU A 138 -2.23 19.27 6.26
N ILE A 139 -3.30 19.93 6.70
CA ILE A 139 -4.21 19.34 7.68
C ILE A 139 -4.92 18.18 7.00
N SER A 140 -5.25 17.15 7.78
CA SER A 140 -6.03 16.03 7.28
C SER A 140 -6.69 15.27 8.40
N ASP A 141 -7.77 14.57 8.05
CA ASP A 141 -8.46 13.67 8.96
C ASP A 141 -8.00 12.25 8.73
N THR A 142 -7.63 11.97 7.49
CA THR A 142 -7.13 10.67 7.09
C THR A 142 -5.87 10.87 6.26
N LEU A 143 -4.79 10.18 6.63
CA LEU A 143 -3.56 10.25 5.86
C LEU A 143 -3.17 8.87 5.34
N LEU A 144 -3.14 8.77 4.01
CA LEU A 144 -2.70 7.55 3.36
C LEU A 144 -1.36 7.81 2.68
N CYS A 145 -0.55 6.75 2.58
CA CYS A 145 0.74 6.83 1.94
C CYS A 145 1.21 5.45 1.49
N ASP A 146 1.56 5.34 0.21
CA ASP A 146 1.89 4.06 -0.40
C ASP A 146 3.17 4.14 -1.19
N ILE A 147 4.11 4.93 -0.69
CA ILE A 147 5.39 5.13 -1.35
C ILE A 147 6.40 4.11 -0.82
N GLY A 148 7.25 3.62 -1.71
CA GLY A 148 8.29 2.63 -1.37
C GLY A 148 8.72 1.85 -2.61
N GLU A 149 9.99 1.95 -2.99
CA GLU A 149 10.53 1.30 -4.19
C GLU A 149 11.46 0.14 -3.86
N SER A 150 11.23 -1.00 -4.52
CA SER A 150 11.98 -2.22 -4.28
C SER A 150 13.44 -2.08 -4.69
N SER A 151 14.25 -2.99 -4.20
CA SER A 151 15.69 -3.00 -4.45
C SER A 151 16.25 -4.33 -3.95
N PRO A 152 17.14 -4.97 -4.71
CA PRO A 152 17.75 -6.18 -4.16
C PRO A 152 18.62 -5.96 -2.90
N SER A 153 18.94 -4.71 -2.57
CA SER A 153 19.65 -4.38 -1.35
C SER A 153 18.69 -4.01 -0.23
N ALA A 154 18.83 -4.66 0.92
CA ALA A 154 18.01 -4.39 2.10
C ALA A 154 18.40 -3.06 2.76
N GLU A 155 19.67 -2.68 2.60
CA GLU A 155 20.19 -1.42 3.15
C GLU A 155 19.61 -0.25 2.39
N ILE A 156 19.48 -0.42 1.08
CA ILE A 156 18.87 0.60 0.24
C ILE A 156 17.43 0.75 0.65
N GLU A 157 16.76 -0.39 0.70
CA GLU A 157 15.36 -0.47 1.11
C GLU A 157 15.17 0.16 2.49
N GLU A 158 16.14 -0.09 3.38
CA GLU A 158 16.16 0.52 4.72
C GLU A 158 16.10 2.05 4.64
N GLN A 159 17.11 2.65 4.03
CA GLN A 159 17.19 4.11 4.00
C GLN A 159 15.99 4.71 3.28
N ARG A 160 15.55 4.07 2.21
CA ARG A 160 14.36 4.48 1.48
C ARG A 160 13.16 4.52 2.41
N THR A 161 13.01 3.46 3.20
CA THR A 161 11.95 3.37 4.20
C THR A 161 12.11 4.45 5.26
N LEU A 162 13.34 4.65 5.74
CA LEU A 162 13.62 5.67 6.75
C LEU A 162 13.34 7.09 6.26
N ARG A 163 13.64 7.37 4.99
CA ARG A 163 13.31 8.67 4.42
C ARG A 163 11.80 8.87 4.48
N ILE A 164 11.08 7.83 4.09
CA ILE A 164 9.62 7.88 4.09
C ILE A 164 9.07 8.09 5.52
N LEU A 165 9.60 7.32 6.47
CA LEU A 165 9.17 7.44 7.86
C LEU A 165 9.40 8.84 8.39
N GLU A 166 10.58 9.37 8.08
CA GLU A 166 10.90 10.74 8.48
C GLU A 166 9.87 11.74 7.99
N MET A 167 9.39 11.57 6.76
CA MET A 167 8.57 12.60 6.16
C MET A 167 7.10 12.48 6.57
N VAL A 168 6.62 11.26 6.76
CA VAL A 168 5.20 11.04 7.13
C VAL A 168 4.84 11.60 8.50
N SER A 169 5.84 11.67 9.39
CA SER A 169 5.60 12.21 10.72
C SER A 169 5.07 13.64 10.68
N ASP A 170 5.63 14.42 9.77
CA ASP A 170 5.22 15.81 9.61
C ASP A 170 3.74 15.90 9.23
N TRP A 171 3.30 14.99 8.38
CA TRP A 171 1.90 14.92 8.00
C TRP A 171 1.03 14.44 9.16
N LEU A 172 1.57 13.52 9.96
CA LEU A 172 0.87 12.99 11.14
C LEU A 172 0.76 14.01 12.27
N SER A 173 1.80 14.82 12.45
CA SER A 173 1.79 15.84 13.50
C SER A 173 0.68 16.88 13.28
N ARG A 174 0.04 16.81 12.11
CA ARG A 174 -1.08 17.66 11.77
C ARG A 174 -2.43 17.10 12.25
N GLY A 175 -2.39 16.00 13.03
CA GLY A 175 -3.59 15.47 13.68
C GLY A 175 -4.51 14.51 12.94
N PRO A 176 -4.07 13.88 11.82
CA PRO A 176 -4.98 12.89 11.27
C PRO A 176 -4.98 11.66 12.16
N LYS A 177 -6.17 11.25 12.60
CA LYS A 177 -6.28 10.12 13.53
C LYS A 177 -6.47 8.79 12.82
N GLU A 178 -6.86 8.85 11.55
CA GLU A 178 -6.93 7.66 10.70
C GLU A 178 -5.75 7.67 9.73
N PHE A 179 -4.99 6.58 9.67
CA PHE A 179 -3.86 6.53 8.76
C PHE A 179 -3.48 5.13 8.29
N CYS A 180 -2.73 5.11 7.18
CA CYS A 180 -2.25 3.88 6.56
C CYS A 180 -0.98 4.17 5.76
N ILE A 181 0.15 3.67 6.25
CA ILE A 181 1.43 3.92 5.60
C ILE A 181 2.12 2.62 5.20
N LYS A 182 2.50 2.52 3.94
CA LYS A 182 3.34 1.43 3.46
C LYS A 182 4.73 1.50 4.09
N ILE A 183 5.09 0.47 4.85
CA ILE A 183 6.47 0.23 5.25
C ILE A 183 7.08 -0.76 4.26
N LEU A 184 7.95 -0.24 3.40
CA LEU A 184 8.61 -1.03 2.35
C LEU A 184 9.45 -2.15 2.95
N CYS A 185 10.38 -1.76 3.82
CA CYS A 185 11.35 -2.68 4.43
C CYS A 185 11.21 -2.64 5.96
N PRO A 186 10.23 -3.39 6.49
CA PRO A 186 9.96 -3.39 7.92
C PRO A 186 10.85 -4.32 8.77
N TYR A 187 11.66 -5.16 8.13
CA TYR A 187 12.42 -6.16 8.88
C TYR A 187 13.81 -5.69 9.32
N MET A 188 14.20 -4.49 8.93
CA MET A 188 15.53 -3.99 9.27
C MET A 188 15.49 -3.33 10.63
N PRO A 189 16.57 -3.50 11.42
CA PRO A 189 16.63 -3.06 12.80
C PRO A 189 16.46 -1.55 13.00
N LYS A 190 17.04 -0.74 12.10
CA LYS A 190 16.87 0.71 12.16
C LYS A 190 15.42 1.13 11.85
N VAL A 191 14.76 0.41 10.94
CA VAL A 191 13.37 0.68 10.59
C VAL A 191 12.49 0.32 11.79
N ILE A 192 12.77 -0.83 12.39
CA ILE A 192 12.04 -1.28 13.56
C ILE A 192 12.10 -0.29 14.73
N GLU A 193 13.31 0.14 15.10
CA GLU A 193 13.43 1.10 16.20
C GLU A 193 12.69 2.39 15.85
N LYS A 194 12.75 2.82 14.61
CA LYS A 194 12.03 4.02 14.17
C LYS A 194 10.51 3.84 14.28
N LEU A 195 10.01 2.71 13.80
CA LEU A 195 8.59 2.39 13.98
C LEU A 195 8.22 2.28 15.46
N GLU A 196 9.11 1.72 16.28
CA GLU A 196 8.86 1.59 17.70
C GLU A 196 8.65 2.99 18.31
N SER A 197 9.46 3.95 17.88
CA SER A 197 9.33 5.35 18.32
C SER A 197 8.04 5.98 17.81
N LEU A 198 7.84 5.90 16.51
CA LEU A 198 6.62 6.42 15.88
C LEU A 198 5.35 5.78 16.46
N GLN A 199 5.40 4.50 16.80
CA GLN A 199 4.24 3.83 17.40
C GLN A 199 3.91 4.40 18.77
N ARG A 200 4.93 4.73 19.55
CA ARG A 200 4.70 5.33 20.87
C ARG A 200 3.95 6.66 20.78
N ARG A 201 4.33 7.49 19.81
CA ARG A 201 3.69 8.78 19.64
C ARG A 201 2.33 8.72 18.93
N PHE A 202 2.25 7.96 17.84
CA PHE A 202 1.07 8.00 16.98
C PHE A 202 0.16 6.78 17.07
N GLY A 203 0.65 5.71 17.69
CA GLY A 203 -0.16 4.50 17.91
C GLY A 203 -0.15 3.59 16.70
N GLY A 204 -1.21 2.80 16.55
CA GLY A 204 -1.38 1.94 15.38
C GLY A 204 -0.53 0.69 15.48
N GLY A 205 -0.33 0.01 14.35
CA GLY A 205 0.47 -1.22 14.30
C GLY A 205 0.70 -1.69 12.88
N LEU A 206 1.54 -2.72 12.72
CA LEU A 206 1.91 -3.21 11.38
C LEU A 206 1.13 -4.44 10.93
N VAL A 207 0.69 -4.44 9.68
CA VAL A 207 -0.13 -5.51 9.14
C VAL A 207 0.29 -5.94 7.74
N ARG A 208 0.28 -7.26 7.53
CA ARG A 208 0.61 -7.85 6.25
C ARG A 208 -0.67 -8.11 5.47
N VAL A 209 -0.74 -7.57 4.27
CA VAL A 209 -1.87 -7.77 3.38
C VAL A 209 -1.58 -8.95 2.44
N PRO A 210 -2.41 -10.01 2.49
CA PRO A 210 -2.12 -11.26 1.77
C PRO A 210 -2.13 -11.11 0.24
N LEU A 211 -2.69 -10.00 -0.24
CA LEU A 211 -2.62 -9.60 -1.64
C LEU A 211 -1.21 -9.19 -2.08
N SER A 212 -0.33 -8.88 -1.13
CA SER A 212 1.06 -8.54 -1.44
C SER A 212 1.81 -9.80 -1.87
N ARG A 213 2.69 -9.65 -2.85
CA ARG A 213 3.36 -10.81 -3.45
C ARG A 213 4.51 -11.26 -2.54
N ASN A 214 4.86 -12.54 -2.62
CA ASN A 214 5.90 -13.09 -1.76
C ASN A 214 7.30 -12.55 -2.09
N SER A 215 7.45 -11.86 -3.23
CA SER A 215 8.73 -11.24 -3.62
C SER A 215 9.04 -9.97 -2.82
N ASN A 216 8.06 -9.45 -2.09
CA ASN A 216 8.27 -8.30 -1.21
C ASN A 216 7.70 -8.52 0.19
N HIS A 217 8.32 -7.87 1.17
CA HIS A 217 8.00 -8.07 2.59
C HIS A 217 7.24 -6.86 3.14
N GLU A 218 6.63 -6.06 2.26
CA GLU A 218 6.00 -4.81 2.67
C GLU A 218 4.91 -5.07 3.68
N MET A 219 4.85 -4.22 4.71
CA MET A 219 3.73 -4.26 5.64
C MET A 219 3.18 -2.86 5.74
N TYR A 220 1.95 -2.74 6.21
CA TYR A 220 1.28 -1.46 6.26
C TYR A 220 1.10 -1.01 7.69
N TRP A 221 1.56 0.20 7.99
CA TRP A 221 1.41 0.78 9.32
C TRP A 221 0.07 1.46 9.40
N VAL A 222 -0.81 0.91 10.23
CA VAL A 222 -2.22 1.28 10.25
C VAL A 222 -2.71 1.61 11.67
N SER A 223 -3.51 2.68 11.78
CA SER A 223 -3.99 3.19 13.07
C SER A 223 -5.00 2.29 13.80
N GLY A 224 -5.73 1.46 13.06
CA GLY A 224 -6.70 0.54 13.66
C GLY A 224 -6.10 -0.77 14.13
N ALA A 225 -4.78 -0.91 13.96
CA ALA A 225 -4.05 -2.04 14.48
C ALA A 225 -3.32 -1.62 15.75
N SER A 226 -2.66 -2.59 16.38
CA SER A 226 -1.89 -2.35 17.60
C SER A 226 -1.06 -3.59 17.90
N GLY A 227 -0.22 -3.52 18.92
CA GLY A 227 0.56 -4.67 19.37
C GLY A 227 2.04 -4.62 19.00
N ASN A 228 2.75 -5.70 19.32
CA ASN A 228 4.20 -5.75 19.15
C ASN A 228 4.57 -5.82 17.69
N ILE A 229 5.38 -4.86 17.26
CA ILE A 229 5.82 -4.79 15.87
C ILE A 229 6.78 -5.92 15.53
N VAL A 230 7.82 -6.04 16.35
CA VAL A 230 8.87 -7.03 16.14
C VAL A 230 8.32 -8.45 16.00
N HIS A 231 7.28 -8.79 16.77
CA HIS A 231 6.62 -10.08 16.61
C HIS A 231 5.88 -10.13 15.28
N ALA A 232 5.06 -9.12 15.03
CA ALA A 232 4.29 -9.02 13.79
C ALA A 232 5.16 -9.29 12.56
N VAL A 233 6.30 -8.61 12.49
CA VAL A 233 7.21 -8.77 11.36
C VAL A 233 7.69 -10.22 11.26
N ASN A 234 8.26 -10.72 12.35
CA ASN A 234 8.80 -12.08 12.37
C ASN A 234 7.79 -13.12 11.91
N MET A 235 6.53 -12.97 12.33
CA MET A 235 5.48 -13.88 11.89
C MET A 235 5.38 -13.89 10.37
N THR A 236 5.43 -12.70 9.78
CA THR A 236 5.35 -12.58 8.32
C THR A 236 6.58 -13.22 7.68
N SER A 237 7.73 -13.04 8.32
CA SER A 237 8.97 -13.60 7.83
C SER A 237 8.95 -15.13 7.84
N GLN A 238 8.34 -15.72 8.86
CA GLN A 238 8.23 -17.18 8.92
C GLN A 238 7.27 -17.71 7.87
N VAL A 239 6.22 -16.94 7.59
CA VAL A 239 5.28 -17.33 6.54
C VAL A 239 5.99 -17.32 5.18
N LEU A 240 6.52 -16.15 4.83
CA LEU A 240 7.24 -15.96 3.56
C LEU A 240 8.36 -16.96 3.34
N ILE A 241 9.16 -17.19 4.38
CA ILE A 241 10.20 -18.23 4.32
C ILE A 241 9.57 -19.60 4.23
N GLY A 242 8.46 -19.80 4.95
CA GLY A 242 7.74 -21.07 4.95
C GLY A 242 7.22 -21.46 3.57
N ARG A 243 7.01 -20.48 2.71
CA ARG A 243 6.52 -20.74 1.37
C ARG A 243 7.61 -21.11 0.37
N MET A 244 8.88 -20.91 0.73
CA MET A 244 10.00 -21.21 -0.16
C MET A 244 10.21 -22.72 -0.33
N ASP A 245 11.09 -23.07 -1.26
CA ASP A 245 11.49 -24.47 -1.51
C ASP A 245 10.30 -25.43 -1.62
N LYS A 246 9.27 -25.02 -2.36
CA LYS A 246 8.01 -25.77 -2.42
C LYS A 246 8.06 -26.95 -3.39
N LYS A 247 7.24 -27.96 -3.08
CA LYS A 247 7.14 -29.21 -3.85
C LYS A 247 6.27 -29.11 -5.09
N ILE A 248 4.98 -28.85 -4.88
CA ILE A 248 4.01 -28.69 -5.96
C ILE A 248 3.42 -27.30 -5.80
N TRP A 249 3.83 -26.37 -6.67
CA TRP A 249 3.36 -25.00 -6.58
C TRP A 249 1.88 -24.95 -6.89
N LYS A 250 1.09 -24.61 -5.88
CA LYS A 250 -0.36 -24.52 -6.03
C LYS A 250 -0.82 -23.20 -6.65
N GLY A 251 0.07 -22.21 -6.69
CA GLY A 251 -0.26 -20.90 -7.26
C GLY A 251 -1.11 -20.05 -6.34
N PRO A 252 -1.55 -18.88 -6.83
CA PRO A 252 -2.36 -17.93 -6.06
C PRO A 252 -3.84 -18.29 -5.93
N LYS A 253 -4.50 -17.58 -5.01
CA LYS A 253 -5.93 -17.71 -4.77
C LYS A 253 -6.62 -16.51 -5.40
N TYR A 254 -7.39 -16.75 -6.46
CA TYR A 254 -7.98 -15.67 -7.24
C TYR A 254 -9.27 -15.20 -6.62
N GLU A 255 -9.41 -13.89 -6.54
CA GLU A 255 -10.62 -13.26 -6.04
C GLU A 255 -11.11 -12.26 -7.08
N GLU A 256 -12.36 -11.84 -6.90
CA GLU A 256 -12.95 -10.83 -7.75
C GLU A 256 -12.48 -9.47 -7.26
N ASP A 257 -12.25 -8.56 -8.20
CA ASP A 257 -11.80 -7.21 -7.88
C ASP A 257 -12.96 -6.44 -7.30
N VAL A 258 -12.68 -5.28 -6.69
CA VAL A 258 -13.76 -4.47 -6.10
C VAL A 258 -14.49 -3.67 -7.19
N ASN A 259 -15.79 -3.50 -7.02
CA ASN A 259 -16.56 -2.69 -7.94
C ASN A 259 -16.83 -1.35 -7.30
N LEU A 260 -16.26 -0.30 -7.88
CA LEU A 260 -16.43 1.06 -7.37
C LEU A 260 -17.62 1.81 -8.01
N GLY A 261 -18.38 1.13 -8.87
CA GLY A 261 -19.56 1.74 -9.50
C GLY A 261 -19.26 2.99 -10.30
N SER A 262 -20.22 3.91 -10.32
CA SER A 262 -20.14 5.13 -11.13
C SER A 262 -20.95 6.28 -10.53
N GLY A 263 -21.00 7.40 -11.24
CA GLY A 263 -21.84 8.53 -10.84
C GLY A 263 -21.21 9.40 -9.76
N THR A 264 -21.73 10.62 -9.63
CA THR A 264 -21.19 11.58 -8.67
C THR A 264 -21.89 11.48 -7.31
N ARG A 265 -21.39 12.23 -6.34
CA ARG A 265 -22.02 12.31 -5.04
C ARG A 265 -22.03 13.76 -4.55
N ALA A 266 -23.18 14.24 -4.10
CA ALA A 266 -23.28 15.60 -3.57
C ALA A 266 -22.75 15.61 -2.14
N VAL A 267 -21.83 16.54 -1.85
CA VAL A 267 -21.34 16.75 -0.49
C VAL A 267 -21.67 18.17 -0.02
N SAM B . -1.89 3.61 -3.68
CA SAM B . -1.71 3.48 -5.16
C SAM B . -2.90 2.77 -5.81
O SAM B . -3.81 2.26 -5.14
OXT SAM B . -2.99 2.68 -7.02
CB SAM B . -0.48 2.64 -5.48
CG SAM B . 0.84 3.18 -4.97
SD SAM B . 1.96 3.65 -6.31
CE SAM B . 2.83 2.09 -6.66
C5' SAM B . 3.22 4.57 -5.41
C4' SAM B . 3.55 5.81 -6.24
O4' SAM B . 4.33 6.70 -5.47
C3' SAM B . 4.34 5.50 -7.52
O3' SAM B . 3.53 5.52 -8.67
C2' SAM B . 5.39 6.60 -7.58
O2' SAM B . 5.32 7.29 -8.81
C1' SAM B . 5.04 7.50 -6.40
N9 SAM B . 6.23 8.10 -5.76
C8 SAM B . 7.47 7.55 -5.57
N7 SAM B . 8.24 8.49 -4.96
C5 SAM B . 7.51 9.60 -4.76
C6 SAM B . 7.79 10.82 -4.18
N6 SAM B . 9.00 11.06 -3.70
N1 SAM B . 6.80 11.79 -4.12
C2 SAM B . 5.54 11.55 -4.63
N3 SAM B . 5.27 10.33 -5.20
C4 SAM B . 6.23 9.37 -5.26
O36 G3A C . 14.44 -11.85 -11.50
C36 G3A C . 14.60 -11.91 -10.26
N31 G3A C . 15.22 -12.98 -9.73
C32 G3A C . 15.41 -13.06 -8.40
N32 G3A C . 16.04 -14.16 -7.90
N33 G3A C . 14.98 -12.07 -7.57
C35 G3A C . 14.14 -10.89 -9.44
C34 G3A C . 14.34 -10.98 -8.07
N37 G3A C . 13.51 -9.73 -9.66
C38 G3A C . 13.32 -9.11 -8.47
N39 G3A C . 13.82 -9.88 -7.49
C41 G3A C . 13.80 -9.58 -6.04
O44 G3A C . 12.45 -9.44 -5.60
C42 G3A C . 14.47 -8.26 -5.66
O42 G3A C . 15.08 -8.38 -4.37
C43 G3A C . 13.34 -7.27 -5.59
O43 G3A C . 13.64 -6.17 -4.72
C44 G3A C . 12.20 -8.12 -5.07
C45 G3A C . 10.86 -7.58 -5.53
O45 G3A C . 10.59 -8.12 -6.82
PA G3A C . 9.44 -7.49 -7.74
O1A G3A C . 8.42 -8.59 -7.92
O2A G3A C . 10.10 -6.85 -8.94
O1 G3A C . 8.93 -6.28 -6.81
PB G3A C . 7.39 -5.83 -6.58
O2B G3A C . 6.40 -6.95 -6.88
O3B G3A C . 7.35 -5.18 -5.22
O3A G3A C . 7.31 -4.66 -7.70
PG G3A C . 5.90 -4.05 -8.19
O1G G3A C . 4.91 -4.43 -7.10
O2G G3A C . 6.17 -2.63 -8.58
O25 G3A C . 5.50 -4.86 -9.52
C25 G3A C . 6.61 -5.69 -9.87
C24 G3A C . 7.10 -5.59 -11.07
C23 G3A C . 8.29 -6.37 -11.44
O23 G3A C . 8.02 -7.78 -11.42
C22 G3A C . 8.60 -5.74 -12.77
O22 G3A C . 8.40 -6.68 -13.82
O24 G3A C . 6.55 -4.72 -12.06
C21 G3A C . 7.64 -4.54 -12.95
N19 G3A C . 8.27 -3.24 -12.62
C14 G3A C . 9.30 -2.70 -13.27
N13 G3A C . 10.03 -3.14 -14.29
C12 G3A C . 11.16 -2.38 -14.86
N11 G3A C . 11.43 -1.09 -14.22
C18 G3A C . 7.89 -2.38 -11.64
N17 G3A C . 8.68 -1.28 -11.65
C15 G3A C . 9.60 -1.42 -12.63
C16 G3A C . 10.72 -0.62 -13.17
N16 G3A C . 11.05 0.59 -12.64
O36 G3A D . 8.94 -1.77 -17.10
C36 G3A D . 8.41 -1.00 -16.28
N31 G3A D . 8.96 0.21 -16.03
C32 G3A D . 8.41 1.04 -15.14
N32 G3A D . 8.97 2.26 -14.92
N33 G3A D . 7.27 0.70 -14.49
C35 G3A D . 7.26 -1.38 -15.60
C34 G3A D . 6.69 -0.50 -14.69
N37 G3A D . 6.49 -2.48 -15.62
C38 G3A D . 5.48 -2.29 -14.74
N39 G3A D . 5.61 -1.07 -14.19
C41 G3A D . 4.72 -0.42 -13.18
O44 G3A D . 4.86 -1.01 -11.88
C42 G3A D . 3.26 -0.58 -13.55
O42 G3A D . 2.79 0.46 -14.41
C43 G3A D . 2.55 -0.54 -12.22
O43 G3A D . 2.16 0.79 -11.93
C44 G3A D . 3.58 -1.04 -11.22
C45 G3A D . 3.30 -2.45 -10.74
O45 G3A D . 2.93 -3.33 -11.82
PA G3A D . 1.56 -4.18 -11.72
O1A G3A D . 1.55 -5.00 -10.47
O2A G3A D . 1.38 -4.93 -13.03
O1 G3A D . 0.52 -2.94 -11.57
PB G3A D . -1.04 -3.17 -11.30
O2B G3A D . -1.19 -4.67 -11.34
O3B G3A D . -1.51 -2.39 -10.09
O3A G3A D . -1.75 -2.57 -12.61
PG G3A D . -2.94 -3.37 -13.38
O1G G3A D . -3.67 -4.26 -12.40
O2G G3A D . -3.68 -2.32 -14.15
O25 G3A D . -2.18 -4.33 -14.45
C25 G3A D . -0.82 -3.92 -14.49
C24 G3A D . -0.30 -3.31 -15.52
C23 G3A D . 1.09 -2.81 -15.45
O23 G3A D . 2.09 -3.84 -15.52
C22 G3A D . 1.05 -1.83 -16.62
O22 G3A D . 2.11 -2.11 -17.54
O24 G3A D . -1.02 -3.04 -16.75
C21 G3A D . -0.30 -1.95 -17.33
N19 G3A D . -1.13 -0.72 -17.22
C14 G3A D . -0.95 0.42 -17.88
N13 G3A D . -0.05 0.83 -18.79
C12 G3A D . -0.08 2.18 -19.37
N11 G3A D . -1.17 3.06 -18.91
C18 G3A D . -2.21 -0.59 -16.42
N17 G3A D . -2.76 0.65 -16.55
C15 G3A D . -2.02 1.32 -17.43
C16 G3A D . -2.09 2.69 -18.01
N16 G3A D . -3.08 3.54 -17.61
#